data_1R9C
#
_entry.id   1R9C
#
_cell.length_a   45.034
_cell.length_b   84.024
_cell.length_c   66.861
_cell.angle_alpha   90.00
_cell.angle_beta   90.00
_cell.angle_gamma   90.00
#
_symmetry.space_group_name_H-M   'P 21 21 2'
#
loop_
_entity.id
_entity.type
_entity.pdbx_description
1 polymer 'glutathione transferase'
2 non-polymer 'MANGANESE (II) ION'
3 water water
#
_entity_poly.entity_id   1
_entity_poly.type   'polypeptide(L)'
_entity_poly.pdbx_seq_one_letter_code
;MIEGLSHMTFIVRDLERMTRILEGVFDAREVYASDTEQFSLSREKFFLIGDIWVAIMQGEKLAERSYNHIAFKIDDADFD
RYAERVGKLGLDMRPPRPRVEGEGRSIYFYDDDNHMFELHTGTLTERLARKAKGLEAAQ
;
_entity_poly.pdbx_strand_id   A,B
#
# COMPACT_ATOMS: atom_id res chain seq x y z
N MET A 1 -5.99 -18.00 -5.83
CA MET A 1 -6.13 -17.38 -4.48
C MET A 1 -4.98 -16.44 -4.11
N ILE A 2 -5.33 -15.29 -3.52
CA ILE A 2 -4.38 -14.29 -3.02
C ILE A 2 -3.85 -14.83 -1.68
N GLU A 3 -2.53 -14.96 -1.55
CA GLU A 3 -1.93 -15.52 -0.35
C GLU A 3 -1.81 -14.50 0.79
N GLY A 4 -1.82 -13.22 0.43
CA GLY A 4 -1.61 -12.13 1.37
C GLY A 4 -0.94 -10.97 0.65
N LEU A 5 -0.49 -9.98 1.41
CA LEU A 5 0.22 -8.84 0.82
C LEU A 5 1.66 -9.26 0.50
N SER A 6 2.14 -8.89 -0.68
CA SER A 6 3.54 -9.10 -1.04
C SER A 6 4.38 -7.92 -0.56
N HIS A 7 4.09 -6.74 -1.10
CA HIS A 7 4.84 -5.54 -0.74
C HIS A 7 4.05 -4.27 -1.05
N MET A 8 4.47 -3.15 -0.46
CA MET A 8 4.03 -1.84 -0.92
C MET A 8 5.25 -1.04 -1.36
N THR A 9 5.11 -0.32 -2.48
CA THR A 9 6.24 0.39 -3.05
C THR A 9 5.91 1.87 -3.15
N PHE A 10 6.81 2.69 -2.61
CA PHE A 10 6.73 4.16 -2.71
C PHE A 10 7.92 4.77 -3.45
N ILE A 11 7.63 5.72 -4.34
CA ILE A 11 8.65 6.49 -5.04
C ILE A 11 8.82 7.80 -4.25
N VAL A 12 10.06 8.16 -3.96
CA VAL A 12 10.37 9.27 -3.07
C VAL A 12 11.56 10.03 -3.66
N ARG A 13 11.60 11.34 -3.42
CA ARG A 13 12.65 12.19 -3.95
C ARG A 13 13.99 11.95 -3.23
N ASP A 14 13.91 11.66 -1.94
CA ASP A 14 15.09 11.57 -1.07
C ASP A 14 15.06 10.27 -0.27
N LEU A 15 15.78 9.27 -0.76
CA LEU A 15 15.84 7.96 -0.11
C LEU A 15 16.34 7.97 1.34
N GLU A 16 17.28 8.89 1.62
CA GLU A 16 17.86 8.97 2.96
C GLU A 16 16.81 9.44 3.95
N ARG A 17 16.11 10.51 3.59
CA ARG A 17 15.08 11.06 4.47
C ARG A 17 13.94 10.05 4.64
N MET A 18 13.53 9.40 3.55
CA MET A 18 12.45 8.40 3.65
C MET A 18 12.87 7.26 4.59
N THR A 19 14.14 6.84 4.52
CA THR A 19 14.70 5.84 5.42
C THR A 19 14.46 6.28 6.87
N ARG A 20 14.76 7.56 7.17
CA ARG A 20 14.65 8.08 8.53
C ARG A 20 13.19 8.10 8.98
N ILE A 21 12.30 8.50 8.08
CA ILE A 21 10.85 8.42 8.34
C ILE A 21 10.41 6.98 8.67
N LEU A 22 10.76 6.01 7.83
CA LEU A 22 10.27 4.65 8.04
C LEU A 22 10.87 4.06 9.33
N GLU A 23 12.13 4.41 9.62
CA GLU A 23 12.78 3.94 10.83
C GLU A 23 12.19 4.66 12.07
N GLY A 24 11.96 5.96 11.92
CA GLY A 24 11.56 6.81 13.03
C GLY A 24 10.13 6.52 13.44
N VAL A 25 9.23 6.38 12.46
CA VAL A 25 7.81 6.18 12.76
C VAL A 25 7.49 4.71 12.98
N PHE A 26 7.95 3.82 12.11
CA PHE A 26 7.50 2.45 12.17
C PHE A 26 8.51 1.45 12.74
N ASP A 27 9.69 1.92 13.13
CA ASP A 27 10.81 1.04 13.45
C ASP A 27 11.11 0.09 12.28
N ALA A 28 10.95 0.57 11.05
CA ALA A 28 11.32 -0.24 9.89
C ALA A 28 12.78 -0.65 9.99
N ARG A 29 13.09 -1.86 9.50
CA ARG A 29 14.45 -2.41 9.46
C ARG A 29 14.87 -2.48 7.97
N GLU A 30 15.97 -1.81 7.62
CA GLU A 30 16.49 -1.88 6.26
C GLU A 30 17.13 -3.23 6.02
N VAL A 31 16.62 -3.94 5.02
CA VAL A 31 17.18 -5.27 4.66
C VAL A 31 17.94 -5.30 3.33
N TYR A 32 17.85 -4.23 2.55
CA TYR A 32 18.51 -4.21 1.24
C TYR A 32 18.67 -2.78 0.77
N ALA A 33 19.82 -2.52 0.13
CA ALA A 33 20.07 -1.27 -0.59
C ALA A 33 20.81 -1.55 -1.89
N SER A 34 20.22 -1.10 -3.00
CA SER A 34 20.85 -1.27 -4.30
C SER A 34 22.19 -0.53 -4.40
N ASP A 35 22.42 0.45 -3.54
CA ASP A 35 23.74 1.14 -3.45
C ASP A 35 24.94 0.25 -3.05
N THR A 36 24.67 -0.89 -2.43
CA THR A 36 25.71 -1.90 -2.16
C THR A 36 26.21 -2.56 -3.46
N GLU A 37 25.57 -2.22 -4.59
CA GLU A 37 25.95 -2.75 -5.91
C GLU A 37 26.82 -1.77 -6.71
N GLN A 38 27.68 -2.33 -7.56
CA GLN A 38 28.48 -1.51 -8.49
C GLN A 38 27.58 -1.13 -9.67
N PHE A 39 27.87 0.02 -10.28
CA PHE A 39 27.14 0.52 -11.45
C PHE A 39 25.65 0.09 -11.50
N SER A 40 24.88 0.38 -10.46
CA SER A 40 23.43 0.33 -10.57
C SER A 40 23.02 1.78 -10.51
N LEU A 41 22.37 2.27 -11.56
CA LEU A 41 22.01 3.69 -11.62
C LEU A 41 20.80 4.02 -10.76
N SER A 42 19.79 3.18 -10.84
CA SER A 42 18.58 3.37 -10.08
C SER A 42 18.87 3.01 -8.62
N ARG A 43 18.20 3.70 -7.71
CA ARG A 43 18.42 3.52 -6.27
C ARG A 43 17.15 3.07 -5.56
N GLU A 44 17.22 1.92 -4.90
CA GLU A 44 16.09 1.39 -4.16
C GLU A 44 16.55 0.81 -2.83
N LYS A 45 15.64 0.76 -1.86
CA LYS A 45 15.86 0.07 -0.60
C LYS A 45 14.63 -0.73 -0.26
N PHE A 46 14.83 -1.85 0.45
CA PHE A 46 13.74 -2.67 0.97
C PHE A 46 13.80 -2.61 2.50
N PHE A 47 12.61 -2.52 3.12
CA PHE A 47 12.50 -2.53 4.56
C PHE A 47 11.48 -3.55 5.01
N LEU A 48 11.65 -4.00 6.25
CA LEU A 48 10.60 -4.76 6.92
C LEU A 48 10.04 -3.96 8.11
N ILE A 49 8.72 -3.95 8.18
CA ILE A 49 8.00 -3.49 9.36
C ILE A 49 7.29 -4.74 9.86
N GLY A 50 7.88 -5.42 10.83
CA GLY A 50 7.42 -6.74 11.22
C GLY A 50 7.66 -7.68 10.04
N ASP A 51 6.58 -8.21 9.48
CA ASP A 51 6.71 -9.04 8.28
C ASP A 51 6.24 -8.28 7.02
N ILE A 52 6.01 -6.98 7.12
CA ILE A 52 5.56 -6.22 5.95
C ILE A 52 6.75 -5.69 5.15
N TRP A 53 6.79 -6.03 3.86
CA TRP A 53 7.83 -5.57 2.94
C TRP A 53 7.42 -4.23 2.36
N VAL A 54 8.23 -3.21 2.63
CA VAL A 54 8.10 -1.91 2.01
C VAL A 54 9.30 -1.69 1.12
N ALA A 55 9.05 -1.29 -0.11
CA ALA A 55 10.14 -0.94 -1.03
C ALA A 55 10.06 0.55 -1.33
N ILE A 56 11.21 1.24 -1.32
CA ILE A 56 11.27 2.60 -1.79
C ILE A 56 12.25 2.73 -2.94
N MET A 57 11.90 3.59 -3.89
CA MET A 57 12.78 3.88 -5.03
C MET A 57 12.85 5.38 -5.23
N GLN A 58 14.03 5.90 -5.58
CA GLN A 58 14.17 7.33 -5.80
C GLN A 58 13.51 7.71 -7.11
N GLY A 59 12.71 8.76 -7.06
CA GLY A 59 11.99 9.25 -8.22
C GLY A 59 11.26 10.52 -7.85
N GLU A 60 10.17 10.82 -8.58
CA GLU A 60 9.42 12.06 -8.34
C GLU A 60 8.40 11.85 -7.23
N LYS A 61 8.09 12.92 -6.52
CA LYS A 61 7.07 12.90 -5.47
C LYS A 61 5.69 12.84 -6.10
N LEU A 62 4.68 12.48 -5.31
CA LEU A 62 3.30 12.59 -5.80
C LEU A 62 2.96 14.06 -6.07
N ALA A 63 2.29 14.32 -7.19
CA ALA A 63 1.91 15.66 -7.59
C ALA A 63 1.15 16.44 -6.50
N GLU A 64 0.10 15.80 -5.99
CA GLU A 64 -0.83 16.40 -5.05
C GLU A 64 -1.03 15.42 -3.88
N ARG A 65 -1.47 15.97 -2.76
CA ARG A 65 -1.97 15.16 -1.65
C ARG A 65 -3.39 14.68 -1.98
N SER A 66 -3.72 13.49 -1.50
CA SER A 66 -5.06 12.93 -1.69
C SER A 66 -5.40 12.16 -0.42
N TYR A 67 -6.58 11.56 -0.38
CA TYR A 67 -6.98 10.82 0.81
C TYR A 67 -6.76 9.30 0.62
N ASN A 68 -6.11 8.91 -0.48
CA ASN A 68 -5.60 7.54 -0.57
C ASN A 68 -4.59 7.38 0.53
N HIS A 69 -4.63 6.28 1.27
CA HIS A 69 -3.77 6.15 2.42
C HIS A 69 -3.56 4.67 2.79
N ILE A 70 -2.45 4.42 3.46
CA ILE A 70 -2.17 3.10 4.01
C ILE A 70 -2.11 3.24 5.52
N ALA A 71 -2.79 2.34 6.23
CA ALA A 71 -2.94 2.45 7.68
C ALA A 71 -2.33 1.25 8.38
N PHE A 72 -1.50 1.54 9.37
CA PHE A 72 -0.89 0.51 10.24
C PHE A 72 -1.58 0.47 11.60
N LYS A 73 -1.56 -0.70 12.23
CA LYS A 73 -2.24 -0.89 13.51
C LYS A 73 -1.33 -0.64 14.70
N ILE A 74 -1.83 0.13 15.67
CA ILE A 74 -1.10 0.36 16.92
C ILE A 74 -2.09 0.18 18.06
N ASP A 75 -1.57 0.13 19.28
CA ASP A 75 -2.39 -0.02 20.45
C ASP A 75 -2.79 1.34 20.94
N ASP A 76 -4.01 1.45 21.45
CA ASP A 76 -4.46 2.74 21.96
C ASP A 76 -3.52 3.41 22.96
N ALA A 77 -2.82 2.61 23.78
CA ALA A 77 -1.91 3.13 24.80
C ALA A 77 -0.71 3.88 24.22
N ASP A 78 -0.36 3.58 22.97
CA ASP A 78 0.80 4.19 22.33
C ASP A 78 0.44 5.39 21.48
N PHE A 79 -0.84 5.78 21.47
CA PHE A 79 -1.28 6.87 20.60
C PHE A 79 -0.43 8.15 20.81
N ASP A 80 -0.28 8.60 22.05
CA ASP A 80 0.47 9.83 22.28
C ASP A 80 1.96 9.71 21.93
N ARG A 81 2.59 8.59 22.29
CA ARG A 81 3.93 8.22 21.84
C ARG A 81 4.14 8.33 20.32
N TYR A 82 3.20 7.76 19.56
CA TYR A 82 3.34 7.80 18.12
C TYR A 82 3.15 9.20 17.56
N ALA A 83 2.27 9.97 18.17
CA ALA A 83 2.06 11.35 17.75
C ALA A 83 3.37 12.15 17.95
N GLU A 84 4.02 11.88 19.09
CA GLU A 84 5.36 12.39 19.42
C GLU A 84 6.42 12.02 18.38
N ARG A 85 6.47 10.74 17.98
CA ARG A 85 7.44 10.29 16.99
C ARG A 85 7.24 11.08 15.70
N VAL A 86 5.98 11.19 15.26
CA VAL A 86 5.66 11.96 14.05
C VAL A 86 6.15 13.40 14.22
N GLY A 87 5.89 13.97 15.39
CA GLY A 87 6.40 15.27 15.79
C GLY A 87 7.91 15.44 15.64
N LYS A 88 8.69 14.52 16.19
CA LYS A 88 10.15 14.67 16.16
C LYS A 88 10.74 14.62 14.73
N LEU A 89 10.02 13.98 13.81
CA LEU A 89 10.43 13.93 12.42
C LEU A 89 10.03 15.17 11.60
N GLY A 90 9.16 16.01 12.17
CA GLY A 90 8.76 17.24 11.51
C GLY A 90 7.74 17.04 10.38
N LEU A 91 6.96 15.98 10.47
CA LEU A 91 6.01 15.60 9.40
C LEU A 91 4.67 16.34 9.53
N ASP A 92 4.10 16.73 8.39
CA ASP A 92 2.75 17.34 8.42
C ASP A 92 1.75 16.29 8.89
N MET A 93 0.72 16.73 9.63
CA MET A 93 -0.33 15.82 10.04
C MET A 93 -1.72 16.44 9.98
N ARG A 94 -2.73 15.58 9.91
CA ARG A 94 -4.12 16.00 10.03
C ARG A 94 -4.41 16.21 11.52
N PRO A 95 -5.35 17.09 11.86
CA PRO A 95 -5.58 17.38 13.28
C PRO A 95 -6.24 16.17 13.97
N PRO A 96 -5.89 15.87 15.22
CA PRO A 96 -6.46 14.71 15.93
C PRO A 96 -7.94 14.96 16.26
N ARG A 97 -8.82 14.03 15.89
CA ARG A 97 -10.26 14.21 16.05
C ARG A 97 -10.66 14.13 17.52
N PRO A 98 -11.69 14.88 17.89
CA PRO A 98 -12.14 14.97 19.27
C PRO A 98 -12.93 13.71 19.68
N GLY A 104 -11.91 3.41 18.38
CA GLY A 104 -10.62 3.60 17.65
C GLY A 104 -10.33 5.06 17.34
N ARG A 105 -9.05 5.41 17.33
CA ARG A 105 -8.62 6.74 16.93
C ARG A 105 -7.40 6.63 16.00
N SER A 106 -7.09 7.72 15.31
CA SER A 106 -6.06 7.68 14.29
C SER A 106 -5.20 8.91 14.35
N ILE A 107 -3.96 8.70 13.90
CA ILE A 107 -3.05 9.78 13.55
C ILE A 107 -2.86 9.67 12.01
N TYR A 108 -3.08 10.77 11.29
CA TYR A 108 -2.79 10.76 9.85
C TYR A 108 -1.67 11.75 9.62
N PHE A 109 -0.67 11.35 8.86
CA PHE A 109 0.50 12.17 8.61
C PHE A 109 0.97 11.92 7.16
N TYR A 110 1.85 12.77 6.66
CA TYR A 110 2.34 12.65 5.29
C TYR A 110 3.83 12.44 5.41
N ASP A 111 4.44 11.68 4.49
CA ASP A 111 5.89 11.65 4.42
C ASP A 111 6.33 12.88 3.61
N ASP A 112 7.50 12.82 2.96
CA ASP A 112 8.03 14.04 2.32
C ASP A 112 7.58 14.16 0.87
N ASP A 113 6.76 13.22 0.42
CA ASP A 113 6.47 13.07 -1.01
C ASP A 113 4.96 12.96 -1.24
N ASN A 114 4.19 13.62 -0.37
CA ASN A 114 2.72 13.62 -0.45
C ASN A 114 1.99 12.30 -0.25
N HIS A 115 2.68 11.26 0.21
CA HIS A 115 1.98 10.04 0.62
C HIS A 115 1.36 10.22 2.00
N MET A 116 0.09 9.83 2.13
CA MET A 116 -0.58 9.84 3.44
C MET A 116 -0.48 8.45 4.11
N PHE A 117 -0.15 8.46 5.39
CA PHE A 117 -0.13 7.24 6.20
C PHE A 117 -1.04 7.45 7.38
N GLU A 118 -1.49 6.37 8.01
CA GLU A 118 -2.40 6.46 9.14
C GLU A 118 -1.87 5.44 10.17
N LEU A 119 -1.90 5.82 11.45
CA LEU A 119 -1.72 4.89 12.57
C LEU A 119 -3.09 4.85 13.24
N HIS A 120 -3.70 3.66 13.30
CA HIS A 120 -5.07 3.49 13.73
C HIS A 120 -5.11 2.48 14.91
N THR A 121 -5.81 2.79 16.01
CA THR A 121 -5.89 1.94 17.22
C THR A 121 -7.04 0.94 17.23
N GLY A 122 -7.93 1.05 16.25
CA GLY A 122 -9.17 0.30 16.26
C GLY A 122 -9.16 -0.85 15.27
N THR A 123 -10.27 -1.59 15.20
CA THR A 123 -10.34 -2.73 14.29
C THR A 123 -11.55 -2.63 13.34
N LEU A 124 -11.56 -3.48 12.32
CA LEU A 124 -12.69 -3.58 11.42
C LEU A 124 -13.98 -3.98 12.15
N THR A 125 -13.89 -4.99 13.03
CA THR A 125 -15.04 -5.48 13.77
C THR A 125 -15.67 -4.35 14.58
N GLU A 126 -14.81 -3.53 15.19
CA GLU A 126 -15.22 -2.40 16.01
C GLU A 126 -15.90 -1.38 15.10
N ARG A 127 -15.24 -1.07 13.99
CA ARG A 127 -15.79 -0.15 12.98
C ARG A 127 -17.18 -0.53 12.47
N LEU A 128 -17.40 -1.82 12.17
CA LEU A 128 -18.72 -2.27 11.68
C LEU A 128 -19.82 -2.31 12.73
N ALA A 129 -19.42 -2.48 13.98
CA ALA A 129 -20.36 -2.53 15.10
C ALA A 129 -20.84 -1.12 15.46
N ARG A 130 -19.99 -0.13 15.17
CA ARG A 130 -20.32 1.28 15.40
C ARG A 130 -21.13 1.85 14.22
N MET B 1 4.82 0.05 19.41
CA MET B 1 5.02 -1.06 18.43
C MET B 1 3.94 -1.12 17.34
N ILE B 2 4.36 -1.29 16.10
CA ILE B 2 3.43 -1.53 14.99
C ILE B 2 3.01 -2.99 15.04
N GLU B 3 1.69 -3.21 15.05
CA GLU B 3 1.17 -4.56 15.25
C GLU B 3 0.99 -5.28 13.91
N GLY B 4 0.85 -4.50 12.86
CA GLY B 4 0.63 -5.01 11.52
C GLY B 4 -0.10 -3.98 10.66
N LEU B 5 -0.60 -4.40 9.51
CA LEU B 5 -1.39 -3.55 8.65
C LEU B 5 -2.77 -3.39 9.26
N SER B 6 -3.32 -2.18 9.26
CA SER B 6 -4.71 -2.01 9.66
C SER B 6 -5.59 -2.10 8.43
N HIS B 7 -5.36 -1.21 7.46
CA HIS B 7 -6.19 -1.17 6.24
C HIS B 7 -5.51 -0.36 5.15
N MET B 8 -6.03 -0.46 3.93
CA MET B 8 -5.62 0.41 2.83
C MET B 8 -6.86 0.98 2.20
N THR B 9 -6.81 2.28 1.91
CA THR B 9 -7.98 3.03 1.47
C THR B 9 -7.66 3.64 0.11
N PHE B 10 -8.61 3.47 -0.82
CA PHE B 10 -8.52 4.04 -2.18
C PHE B 10 -9.70 4.94 -2.47
N ILE B 11 -9.42 6.08 -3.10
CA ILE B 11 -10.48 6.99 -3.48
C ILE B 11 -10.78 6.70 -4.95
N VAL B 12 -12.07 6.51 -5.26
CA VAL B 12 -12.48 6.14 -6.62
C VAL B 12 -13.70 6.91 -7.03
N ARG B 13 -13.87 7.12 -8.33
CA ARG B 13 -14.97 7.93 -8.84
C ARG B 13 -16.30 7.17 -8.84
N ASP B 14 -16.21 5.85 -9.07
CA ASP B 14 -17.36 4.96 -9.23
C ASP B 14 -17.14 3.72 -8.34
N LEU B 15 -17.90 3.63 -7.27
CA LEU B 15 -17.74 2.52 -6.30
C LEU B 15 -18.19 1.17 -6.89
N GLU B 16 -19.19 1.21 -7.78
CA GLU B 16 -19.71 -0.02 -8.41
C GLU B 16 -18.65 -0.68 -9.31
N ARG B 17 -17.96 0.11 -10.10
CA ARG B 17 -16.86 -0.41 -10.91
C ARG B 17 -15.68 -0.93 -10.07
N MET B 18 -15.32 -0.18 -9.03
CA MET B 18 -14.24 -0.57 -8.13
C MET B 18 -14.61 -1.87 -7.43
N THR B 19 -15.90 -2.03 -7.11
CA THR B 19 -16.36 -3.23 -6.44
C THR B 19 -16.08 -4.40 -7.36
N ARG B 20 -16.40 -4.22 -8.64
CA ARG B 20 -16.23 -5.27 -9.60
C ARG B 20 -14.76 -5.63 -9.79
N ILE B 21 -13.89 -4.63 -9.76
CA ILE B 21 -12.44 -4.88 -9.88
C ILE B 21 -11.92 -5.67 -8.67
N LEU B 22 -12.25 -5.21 -7.48
CA LEU B 22 -11.78 -5.86 -6.26
C LEU B 22 -12.29 -7.27 -6.13
N GLU B 23 -13.58 -7.47 -6.38
CA GLU B 23 -14.14 -8.80 -6.33
C GLU B 23 -13.59 -9.66 -7.49
N GLY B 24 -13.47 -9.04 -8.66
CA GLY B 24 -13.10 -9.78 -9.87
C GLY B 24 -11.64 -10.19 -9.94
N VAL B 25 -10.74 -9.32 -9.49
CA VAL B 25 -9.32 -9.65 -9.49
C VAL B 25 -8.87 -10.34 -8.17
N PHE B 26 -9.21 -9.77 -7.03
CA PHE B 26 -8.66 -10.23 -5.76
C PHE B 26 -9.57 -11.19 -4.97
N ASP B 27 -10.77 -11.49 -5.48
CA ASP B 27 -11.79 -12.23 -4.73
C ASP B 27 -12.08 -11.50 -3.41
N ALA B 28 -12.10 -10.17 -3.45
CA ALA B 28 -12.45 -9.38 -2.29
C ALA B 28 -13.91 -9.68 -1.91
N ARG B 29 -14.22 -9.68 -0.62
CA ARG B 29 -15.62 -9.83 -0.19
C ARG B 29 -16.04 -8.57 0.54
N GLU B 30 -17.22 -8.09 0.19
CA GLU B 30 -17.75 -6.88 0.76
C GLU B 30 -18.31 -7.15 2.15
N VAL B 31 -17.89 -6.35 3.12
CA VAL B 31 -18.41 -6.49 4.49
C VAL B 31 -19.13 -5.23 4.99
N TYR B 32 -19.02 -4.12 4.27
CA TYR B 32 -19.78 -2.92 4.62
C TYR B 32 -20.18 -2.07 3.40
N ALA B 33 -21.41 -1.55 3.43
CA ALA B 33 -21.95 -0.67 2.37
C ALA B 33 -22.66 0.55 2.97
N SER B 42 -22.48 8.79 -3.24
CA SER B 42 -21.17 9.01 -2.61
C SER B 42 -21.18 8.49 -1.18
N ARG B 43 -20.11 7.77 -0.79
CA ARG B 43 -20.03 7.05 0.49
C ARG B 43 -18.77 6.15 0.55
N GLU B 44 -18.73 5.20 1.49
CA GLU B 44 -17.62 4.26 1.55
C GLU B 44 -18.10 2.82 1.54
N LYS B 45 -17.26 1.92 1.06
CA LYS B 45 -17.53 0.50 1.20
C LYS B 45 -16.32 -0.17 1.82
N PHE B 46 -16.53 -1.26 2.55
CA PHE B 46 -15.38 -2.02 3.10
C PHE B 46 -15.32 -3.41 2.53
N PHE B 47 -14.09 -3.87 2.26
CA PHE B 47 -13.85 -5.23 1.78
C PHE B 47 -12.76 -5.91 2.58
N LEU B 48 -12.77 -7.23 2.56
CA LEU B 48 -11.63 -8.06 2.99
C LEU B 48 -11.04 -8.81 1.80
N ILE B 49 -9.74 -8.70 1.63
CA ILE B 49 -9.02 -9.64 0.76
C ILE B 49 -8.24 -10.55 1.68
N GLY B 50 -8.81 -11.69 2.00
CA GLY B 50 -8.27 -12.56 3.03
C GLY B 50 -8.44 -11.80 4.34
N ASP B 51 -7.35 -11.41 4.98
CA ASP B 51 -7.55 -10.67 6.21
C ASP B 51 -7.14 -9.20 6.05
N ILE B 52 -7.01 -8.77 4.81
CA ILE B 52 -6.62 -7.39 4.49
C ILE B 52 -7.89 -6.60 4.30
N TRP B 53 -8.07 -5.64 5.19
CA TRP B 53 -9.15 -4.68 5.15
C TRP B 53 -8.86 -3.63 4.10
N VAL B 54 -9.74 -3.53 3.11
CA VAL B 54 -9.70 -2.46 2.09
C VAL B 54 -10.93 -1.57 2.18
N ALA B 55 -10.73 -0.25 2.26
CA ALA B 55 -11.82 0.72 2.24
C ALA B 55 -11.78 1.48 0.91
N ILE B 56 -12.95 1.71 0.33
CA ILE B 56 -13.02 2.53 -0.87
C ILE B 56 -14.02 3.62 -0.62
N MET B 57 -13.67 4.83 -1.04
CA MET B 57 -14.53 5.96 -0.82
C MET B 57 -14.64 6.72 -2.12
N GLN B 58 -15.82 7.27 -2.37
CA GLN B 58 -16.07 8.04 -3.58
C GLN B 58 -15.40 9.40 -3.48
N GLY B 59 -14.70 9.80 -4.55
CA GLY B 59 -14.11 11.12 -4.68
C GLY B 59 -13.33 11.24 -5.99
N GLU B 60 -12.24 12.01 -5.98
CA GLU B 60 -11.53 12.33 -7.23
C GLU B 60 -10.36 11.42 -7.56
N LYS B 61 -10.27 10.99 -8.82
CA LYS B 61 -9.20 10.09 -9.26
C LYS B 61 -7.87 10.83 -9.18
N LEU B 62 -6.81 10.10 -8.87
CA LEU B 62 -5.47 10.67 -8.86
C LEU B 62 -5.24 11.39 -10.19
N ALA B 63 -5.00 12.68 -10.09
CA ALA B 63 -4.55 13.51 -11.21
C ALA B 63 -3.65 12.74 -12.20
N GLU B 64 -2.67 12.02 -11.66
CA GLU B 64 -1.57 11.45 -12.44
C GLU B 64 -1.30 10.01 -12.04
N ARG B 65 -0.83 9.21 -13.00
CA ARG B 65 -0.35 7.86 -12.71
C ARG B 65 1.13 7.97 -12.29
N SER B 66 1.56 7.02 -11.49
CA SER B 66 2.95 6.93 -11.08
C SER B 66 3.24 5.45 -10.88
N TYR B 67 4.46 5.13 -10.47
CA TYR B 67 4.85 3.75 -10.20
C TYR B 67 4.77 3.34 -8.70
N ASN B 68 4.19 4.20 -7.86
CA ASN B 68 3.73 3.78 -6.52
C ASN B 68 2.72 2.64 -6.72
N HIS B 69 2.81 1.58 -5.93
CA HIS B 69 1.95 0.39 -6.15
C HIS B 69 1.81 -0.46 -4.91
N ILE B 70 0.70 -1.18 -4.87
CA ILE B 70 0.48 -2.20 -3.85
C ILE B 70 0.49 -3.53 -4.54
N ALA B 71 1.22 -4.48 -3.95
CA ALA B 71 1.38 -5.79 -4.55
C ALA B 71 0.89 -6.90 -3.63
N PHE B 72 0.14 -7.84 -4.25
CA PHE B 72 -0.42 -8.98 -3.55
C PHE B 72 0.29 -10.24 -4.01
N LYS B 73 0.43 -11.19 -3.09
CA LYS B 73 1.17 -12.38 -3.38
C LYS B 73 0.23 -13.45 -3.93
N ILE B 74 0.67 -14.08 -5.03
CA ILE B 74 -0.03 -15.22 -5.62
C ILE B 74 0.93 -16.38 -5.88
N ASP B 75 0.38 -17.57 -6.11
CA ASP B 75 1.23 -18.69 -6.50
C ASP B 75 1.48 -18.63 -8.02
N ASP B 76 2.69 -19.03 -8.43
CA ASP B 76 3.09 -19.05 -9.83
C ASP B 76 2.14 -19.85 -10.72
N ALA B 77 1.56 -20.92 -10.16
CA ALA B 77 0.66 -21.80 -10.90
C ALA B 77 -0.66 -21.12 -11.26
N ASP B 78 -1.00 -20.03 -10.55
CA ASP B 78 -2.20 -19.24 -10.81
C ASP B 78 -1.98 -18.04 -11.72
N PHE B 79 -0.76 -17.87 -12.23
CA PHE B 79 -0.39 -16.64 -12.95
C PHE B 79 -1.27 -16.35 -14.18
N ASP B 80 -1.38 -17.33 -15.08
CA ASP B 80 -2.22 -17.18 -16.28
C ASP B 80 -3.68 -16.86 -15.97
N ARG B 81 -4.23 -17.52 -14.93
CA ARG B 81 -5.59 -17.25 -14.46
C ARG B 81 -5.81 -15.80 -14.05
N TYR B 82 -4.86 -15.27 -13.27
CA TYR B 82 -4.96 -13.91 -12.77
C TYR B 82 -4.87 -12.89 -13.91
N ALA B 83 -3.96 -13.14 -14.85
CA ALA B 83 -3.85 -12.31 -16.04
C ALA B 83 -5.15 -12.29 -16.86
N GLU B 84 -5.88 -13.41 -16.86
CA GLU B 84 -7.13 -13.50 -17.61
C GLU B 84 -8.25 -12.74 -16.87
N ARG B 85 -8.19 -12.74 -15.54
CA ARG B 85 -9.13 -11.97 -14.70
C ARG B 85 -9.00 -10.47 -14.96
N VAL B 86 -7.77 -9.97 -14.97
CA VAL B 86 -7.48 -8.55 -15.22
C VAL B 86 -7.90 -8.15 -16.64
N GLY B 87 -7.46 -8.92 -17.62
CA GLY B 87 -7.92 -8.77 -19.00
C GLY B 87 -9.43 -8.78 -19.20
N LYS B 88 -10.12 -9.73 -18.59
CA LYS B 88 -11.58 -9.84 -18.71
C LYS B 88 -12.28 -8.54 -18.32
N LEU B 89 -11.68 -7.82 -17.37
CA LEU B 89 -12.22 -6.55 -16.90
C LEU B 89 -11.86 -5.34 -17.75
N GLY B 90 -11.11 -5.55 -18.84
CA GLY B 90 -10.67 -4.44 -19.67
C GLY B 90 -9.74 -3.45 -18.95
N LEU B 91 -9.05 -3.93 -17.92
CA LEU B 91 -8.12 -3.07 -17.20
C LEU B 91 -6.83 -2.90 -17.97
N ASP B 92 -6.24 -1.72 -17.84
CA ASP B 92 -4.98 -1.42 -18.51
C ASP B 92 -3.88 -2.25 -17.84
N MET B 93 -3.32 -3.19 -18.59
CA MET B 93 -2.38 -4.16 -18.02
C MET B 93 -1.08 -4.21 -18.83
N ARG B 94 0.05 -4.25 -18.12
CA ARG B 94 1.36 -4.38 -18.78
C ARG B 94 1.46 -5.82 -19.31
N PRO B 95 1.77 -6.01 -20.59
CA PRO B 95 1.92 -7.36 -21.13
C PRO B 95 2.95 -8.13 -20.28
N PRO B 96 2.60 -9.29 -19.73
CA PRO B 96 3.51 -10.00 -18.83
C PRO B 96 4.86 -10.31 -19.50
N ARG B 97 5.94 -10.04 -18.79
CA ARG B 97 7.28 -10.38 -19.27
C ARG B 97 7.39 -11.91 -19.39
N PRO B 98 7.70 -12.42 -20.60
CA PRO B 98 7.84 -13.86 -20.84
C PRO B 98 8.81 -14.56 -19.88
N ARG B 99 8.25 -15.15 -18.82
CA ARG B 99 8.99 -15.90 -17.81
C ARG B 99 8.16 -17.09 -17.34
N GLU B 103 11.39 -18.86 -11.54
CA GLU B 103 10.80 -17.56 -12.00
C GLU B 103 10.90 -16.44 -10.95
N GLY B 104 9.78 -15.75 -10.76
CA GLY B 104 9.66 -14.54 -9.94
C GLY B 104 8.91 -13.51 -10.78
N ARG B 105 7.63 -13.75 -11.03
CA ARG B 105 6.87 -13.03 -12.06
C ARG B 105 5.85 -12.01 -11.49
N SER B 106 5.49 -11.01 -12.31
CA SER B 106 4.46 -10.03 -11.88
C SER B 106 3.46 -9.69 -12.97
N ILE B 107 2.24 -9.35 -12.55
CA ILE B 107 1.24 -8.72 -13.40
C ILE B 107 1.03 -7.34 -12.84
N TYR B 108 1.18 -6.31 -13.68
CA TYR B 108 0.93 -4.94 -13.28
C TYR B 108 -0.30 -4.43 -14.01
N PHE B 109 -1.17 -3.71 -13.31
CA PHE B 109 -2.37 -3.11 -13.94
C PHE B 109 -2.82 -1.84 -13.22
N TYR B 110 -3.55 -0.96 -13.90
CA TYR B 110 -4.23 0.17 -13.24
C TYR B 110 -5.68 -0.19 -13.03
N ASP B 111 -6.30 0.34 -11.96
CA ASP B 111 -7.74 0.19 -11.90
C ASP B 111 -8.29 1.33 -12.77
N ASP B 112 -9.51 1.79 -12.47
CA ASP B 112 -10.13 2.87 -13.24
C ASP B 112 -9.76 4.25 -12.72
N ASP B 113 -8.98 4.29 -11.66
CA ASP B 113 -8.71 5.53 -10.96
C ASP B 113 -7.23 5.76 -10.75
N ASN B 114 -6.44 5.27 -11.71
CA ASN B 114 -5.00 5.48 -11.68
C ASN B 114 -4.24 4.88 -10.50
N HIS B 115 -4.81 3.87 -9.85
CA HIS B 115 -4.05 3.16 -8.80
C HIS B 115 -3.35 1.99 -9.44
N MET B 116 -2.03 1.93 -9.31
CA MET B 116 -1.32 0.76 -9.81
C MET B 116 -1.32 -0.39 -8.77
N PHE B 117 -1.69 -1.58 -9.24
CA PHE B 117 -1.66 -2.81 -8.46
C PHE B 117 -0.74 -3.78 -9.13
N GLU B 118 -0.24 -4.75 -8.36
CA GLU B 118 0.67 -5.76 -8.84
C GLU B 118 0.27 -7.10 -8.21
N LEU B 119 0.32 -8.17 -9.00
CA LEU B 119 0.20 -9.53 -8.48
C LEU B 119 1.56 -10.14 -8.71
N HIS B 120 2.15 -10.69 -7.65
CA HIS B 120 3.55 -11.07 -7.68
C HIS B 120 3.68 -12.50 -7.15
N THR B 121 4.42 -13.35 -7.87
CA THR B 121 4.61 -14.76 -7.47
C THR B 121 5.83 -15.04 -6.56
N GLY B 122 6.74 -14.08 -6.42
CA GLY B 122 7.98 -14.29 -5.66
C GLY B 122 7.94 -13.81 -4.21
N THR B 123 9.01 -14.07 -3.45
CA THR B 123 9.07 -13.63 -2.06
C THR B 123 10.25 -12.70 -1.87
N LEU B 124 10.26 -12.02 -0.73
CA LEU B 124 11.37 -11.15 -0.38
C LEU B 124 12.65 -11.93 -0.32
N THR B 125 12.63 -13.06 0.39
CA THR B 125 13.78 -13.96 0.51
C THR B 125 14.38 -14.29 -0.86
N GLU B 126 13.52 -14.72 -1.79
CA GLU B 126 13.96 -15.08 -3.14
C GLU B 126 14.60 -13.88 -3.82
N ARG B 127 13.94 -12.73 -3.71
CA ARG B 127 14.41 -11.48 -4.31
C ARG B 127 15.78 -11.08 -3.74
N LEU B 128 15.97 -11.27 -2.43
CA LEU B 128 17.26 -10.99 -1.79
C LEU B 128 18.39 -11.88 -2.30
N ALA B 129 18.07 -12.88 -3.13
CA ALA B 129 19.10 -13.74 -3.72
C ALA B 129 19.57 -13.23 -5.09
#